data_5T12
#
_entry.id   5T12
#
_cell.length_a   64.770
_cell.length_b   64.770
_cell.length_c   123.692
_cell.angle_alpha   90.00
_cell.angle_beta   90.00
_cell.angle_gamma   120.00
#
_symmetry.space_group_name_H-M   'P 65'
#
loop_
_entity.id
_entity.type
_entity.pdbx_description
1 polymer 'Phosphoenolpyruvate--protein phosphotransferase'
2 non-polymer 'IODIDE ION'
3 water water
#
_entity_poly.entity_id   1
_entity_poly.type   'polypeptide(L)'
_entity_poly.pdbx_seq_one_letter_code
;RIRALPAAPGVAIAEGWQDATLPLMEQVYQASTLDPALERERLTGALEEAANEFRRYSKRFAAGAQKETAAIFDLYSHLL
SDTRLRRELFAEVDKGSVAEWAVKTVIEKFAEQFAALSDNYLKERAGDLRALGQRLLFHLDDANQGPNAWPERFILVADE
LSATTLAELPQDRLVGVVVRDGAANSQAAIMVRALGIPTVMGADIQPSVLHRRTLIVDGYRGELLVDPEPVLLQEYQRLI
SEEIELSRLAEDDVN
;
_entity_poly.pdbx_strand_id   A
#
# COMPACT_ATOMS: atom_id res chain seq x y z
N ARG A 1 24.90 -6.62 5.75
CA ARG A 1 24.84 -5.44 6.63
C ARG A 1 24.89 -4.15 5.83
N ILE A 2 23.72 -3.61 5.50
CA ILE A 2 23.61 -2.35 4.77
C ILE A 2 23.13 -1.28 5.76
N ARG A 3 23.96 -0.26 5.95
CA ARG A 3 23.59 0.87 6.78
C ARG A 3 22.52 1.71 6.08
N ALA A 4 21.57 2.21 6.84
CA ALA A 4 20.43 2.91 6.26
C ALA A 4 19.72 3.71 7.35
N LEU A 5 18.59 4.33 6.96
CA LEU A 5 17.84 5.31 7.75
C LEU A 5 16.64 4.67 8.41
N PRO A 6 16.51 4.76 9.73
CA PRO A 6 15.32 4.23 10.42
C PRO A 6 14.11 5.13 10.22
N ALA A 7 13.13 4.64 9.47
CA ALA A 7 11.92 5.40 9.20
C ALA A 7 10.74 4.98 10.07
N ALA A 8 10.67 3.72 10.48
CA ALA A 8 9.61 3.23 11.34
C ALA A 8 10.16 2.11 12.20
N PRO A 9 9.90 2.12 13.50
CA PRO A 9 10.52 1.15 14.40
C PRO A 9 9.99 -0.26 14.17
N GLY A 10 10.73 -1.23 14.69
CA GLY A 10 10.37 -2.62 14.61
C GLY A 10 11.47 -3.48 14.04
N VAL A 11 11.28 -4.79 14.14
CA VAL A 11 12.17 -5.79 13.59
C VAL A 11 11.33 -6.82 12.84
N ALA A 12 11.83 -7.27 11.69
CA ALA A 12 11.14 -8.27 10.90
C ALA A 12 12.15 -9.07 10.09
N ILE A 13 11.82 -10.33 9.83
CA ILE A 13 12.63 -11.20 8.99
C ILE A 13 11.69 -11.90 8.00
N ALA A 14 12.02 -11.82 6.71
CA ALA A 14 11.16 -12.38 5.68
C ALA A 14 11.89 -12.35 4.35
N GLU A 15 11.34 -13.06 3.38
CA GLU A 15 11.85 -13.03 2.02
C GLU A 15 11.60 -11.66 1.39
N GLY A 16 12.58 -11.16 0.65
CA GLY A 16 12.40 -9.90 -0.05
C GLY A 16 11.51 -10.07 -1.28
N TRP A 17 10.67 -9.07 -1.53
CA TRP A 17 9.73 -9.11 -2.63
C TRP A 17 9.69 -7.75 -3.31
N GLN A 18 10.08 -7.71 -4.58
CA GLN A 18 10.02 -6.50 -5.39
C GLN A 18 8.82 -6.57 -6.32
N ASP A 19 7.98 -5.55 -6.29
CA ASP A 19 6.84 -5.44 -7.20
C ASP A 19 7.22 -4.48 -8.32
N ALA A 20 7.93 -5.00 -9.31
CA ALA A 20 8.35 -4.23 -10.47
C ALA A 20 7.29 -4.16 -11.56
N THR A 21 6.03 -4.40 -11.21
CA THR A 21 4.93 -4.35 -12.16
C THR A 21 4.18 -3.03 -12.05
N LEU A 22 3.43 -2.69 -13.10
CA LEU A 22 2.67 -1.46 -13.12
C LEU A 22 1.59 -1.49 -12.03
N PRO A 23 1.20 -0.34 -11.51
CA PRO A 23 0.13 -0.31 -10.50
C PRO A 23 -1.18 -0.83 -11.07
N LEU A 24 -2.08 -1.20 -10.16
CA LEU A 24 -3.36 -1.78 -10.55
C LEU A 24 -4.18 -0.81 -11.39
N MET A 25 -4.06 0.50 -11.13
CA MET A 25 -4.81 1.47 -11.91
C MET A 25 -4.37 1.49 -13.36
N GLU A 26 -3.07 1.40 -13.62
CA GLU A 26 -2.54 1.52 -14.97
C GLU A 26 -2.69 0.24 -15.78
N GLN A 27 -3.05 -0.88 -15.17
CA GLN A 27 -3.26 -2.12 -15.90
C GLN A 27 -4.73 -2.49 -16.02
N VAL A 28 -5.63 -1.58 -15.67
CA VAL A 28 -7.06 -1.75 -15.96
C VAL A 28 -7.33 -1.22 -17.36
N TYR A 29 -8.07 -1.99 -18.15
CA TYR A 29 -8.45 -1.59 -19.49
C TYR A 29 -9.97 -1.62 -19.61
N GLN A 30 -10.48 -0.85 -20.57
CA GLN A 30 -11.91 -0.80 -20.80
C GLN A 30 -12.43 -2.15 -21.26
N ALA A 31 -13.39 -2.70 -20.53
CA ALA A 31 -13.95 -4.00 -20.83
C ALA A 31 -15.47 -3.93 -20.84
N SER A 32 -16.08 -4.60 -21.81
CA SER A 32 -17.53 -4.63 -21.92
C SER A 32 -18.11 -5.69 -20.99
N THR A 33 -19.33 -5.43 -20.52
CA THR A 33 -20.06 -6.37 -19.68
C THR A 33 -21.50 -6.47 -20.16
N LEU A 34 -22.04 -7.70 -20.14
CA LEU A 34 -23.44 -7.94 -20.43
C LEU A 34 -24.20 -8.36 -19.18
N ASP A 35 -23.68 -8.03 -18.01
CA ASP A 35 -24.28 -8.40 -16.72
C ASP A 35 -24.26 -7.19 -15.81
N PRO A 36 -25.14 -6.21 -16.06
CA PRO A 36 -25.10 -4.98 -15.25
C PRO A 36 -25.41 -5.19 -13.78
N ALA A 37 -26.26 -6.16 -13.44
CA ALA A 37 -26.62 -6.38 -12.04
C ALA A 37 -25.42 -6.89 -11.25
N LEU A 38 -24.60 -7.74 -11.84
CA LEU A 38 -23.46 -8.31 -11.12
C LEU A 38 -22.38 -7.26 -10.87
N GLU A 39 -22.04 -6.47 -11.90
CA GLU A 39 -21.00 -5.46 -11.73
C GLU A 39 -21.38 -4.42 -10.68
N ARG A 40 -22.67 -4.11 -10.57
CA ARG A 40 -23.11 -3.21 -9.50
C ARG A 40 -22.99 -3.89 -8.14
N GLU A 41 -23.26 -5.19 -8.08
CA GLU A 41 -23.13 -5.92 -6.82
C GLU A 41 -21.66 -6.06 -6.41
N ARG A 42 -20.77 -6.21 -7.39
CA ARG A 42 -19.34 -6.27 -7.08
C ARG A 42 -18.83 -4.93 -6.57
N LEU A 43 -19.41 -3.82 -7.05
CA LEU A 43 -18.97 -2.50 -6.62
C LEU A 43 -19.44 -2.17 -5.21
N THR A 44 -20.69 -2.49 -4.89
CA THR A 44 -21.18 -2.26 -3.53
C THR A 44 -20.43 -3.10 -2.51
N GLY A 45 -19.95 -4.27 -2.91
CA GLY A 45 -19.15 -5.08 -2.02
C GLY A 45 -17.79 -4.46 -1.74
N ALA A 46 -17.15 -3.92 -2.78
CA ALA A 46 -15.83 -3.32 -2.61
C ALA A 46 -15.91 -2.01 -1.85
N LEU A 47 -16.93 -1.19 -2.14
CA LEU A 47 -17.07 0.09 -1.45
C LEU A 47 -17.30 -0.12 0.04
N GLU A 48 -18.06 -1.15 0.41
CA GLU A 48 -18.32 -1.41 1.82
C GLU A 48 -17.12 -2.00 2.51
N GLU A 49 -16.39 -2.90 1.83
CA GLU A 49 -15.19 -3.47 2.43
C GLU A 49 -14.11 -2.42 2.62
N ALA A 50 -13.94 -1.53 1.64
CA ALA A 50 -12.94 -0.47 1.75
C ALA A 50 -13.34 0.55 2.81
N ALA A 51 -14.62 0.90 2.87
CA ALA A 51 -15.09 1.82 3.91
C ALA A 51 -14.93 1.21 5.29
N ASN A 52 -15.26 -0.08 5.44
CA ASN A 52 -15.03 -0.77 6.70
C ASN A 52 -13.55 -0.77 7.06
N GLU A 53 -12.68 -1.03 6.08
CA GLU A 53 -11.25 -1.06 6.34
C GLU A 53 -10.76 0.28 6.87
N PHE A 54 -11.14 1.37 6.20
CA PHE A 54 -10.78 2.70 6.70
C PHE A 54 -11.40 2.98 8.06
N ARG A 55 -12.52 2.33 8.38
CA ARG A 55 -13.19 2.57 9.65
C ARG A 55 -12.37 2.04 10.82
N ARG A 56 -11.81 0.83 10.69
CA ARG A 56 -11.03 0.25 11.78
C ARG A 56 -9.66 0.89 11.90
N TYR A 57 -9.06 1.31 10.78
CA TYR A 57 -7.74 1.91 10.84
C TYR A 57 -7.77 3.21 11.62
N SER A 58 -8.75 4.08 11.35
CA SER A 58 -8.90 5.29 12.13
C SER A 58 -9.25 4.98 13.59
N LYS A 59 -10.00 3.90 13.82
CA LYS A 59 -10.25 3.46 15.20
C LYS A 59 -8.97 3.02 15.88
N ARG A 60 -8.05 2.41 15.13
CA ARG A 60 -6.78 1.97 15.70
C ARG A 60 -5.77 3.12 15.80
N PHE A 61 -5.71 3.97 14.77
CA PHE A 61 -4.73 5.04 14.73
C PHE A 61 -4.96 6.06 15.84
N ALA A 62 -6.19 6.20 16.34
CA ALA A 62 -6.48 7.15 17.40
C ALA A 62 -5.59 6.92 18.61
N ALA A 63 -5.11 5.70 18.82
CA ALA A 63 -4.20 5.39 19.92
C ALA A 63 -2.76 5.43 19.41
N GLY A 64 -2.06 6.52 19.73
CA GLY A 64 -0.60 6.62 19.70
C GLY A 64 0.18 6.94 18.42
N ALA A 65 -0.27 6.43 17.27
CA ALA A 65 0.53 6.45 16.06
C ALA A 65 0.34 7.70 15.21
N GLN A 66 -0.82 8.35 15.30
CA GLN A 66 -1.14 9.69 14.78
C GLN A 66 -2.61 9.93 15.10
N LYS A 67 -2.98 11.13 15.55
CA LYS A 67 -4.38 11.53 15.49
C LYS A 67 -4.71 12.19 14.16
N GLU A 68 -3.70 12.71 13.46
CA GLU A 68 -3.92 13.31 12.15
C GLU A 68 -4.36 12.25 11.13
N THR A 69 -3.64 11.12 11.09
CA THR A 69 -4.00 10.06 10.16
C THR A 69 -5.31 9.38 10.55
N ALA A 70 -5.62 9.34 11.85
CA ALA A 70 -6.93 8.85 12.27
C ALA A 70 -8.06 9.74 11.76
N ALA A 71 -7.79 11.05 11.65
CA ALA A 71 -8.80 11.95 11.12
C ALA A 71 -8.92 11.85 9.60
N ILE A 72 -7.78 11.77 8.89
CA ILE A 72 -7.82 11.66 7.44
C ILE A 72 -8.48 10.35 7.02
N PHE A 73 -8.14 9.26 7.71
CA PHE A 73 -8.78 7.97 7.41
C PHE A 73 -10.25 7.98 7.78
N ASP A 74 -10.65 8.83 8.74
CA ASP A 74 -12.07 8.93 9.09
C ASP A 74 -12.86 9.60 7.97
N LEU A 75 -12.32 10.69 7.41
CA LEU A 75 -13.00 11.38 6.33
C LEU A 75 -13.11 10.50 5.09
N TYR A 76 -12.06 9.74 4.79
CA TYR A 76 -12.08 8.90 3.59
C TYR A 76 -13.06 7.73 3.73
N SER A 77 -13.29 7.27 4.97
CA SER A 77 -14.31 6.26 5.18
C SER A 77 -15.70 6.80 4.88
N HIS A 78 -15.92 8.09 5.11
CA HIS A 78 -17.19 8.71 4.76
C HIS A 78 -17.28 8.98 3.25
N LEU A 79 -16.17 9.36 2.63
CA LEU A 79 -16.16 9.51 1.18
C LEU A 79 -16.42 8.18 0.48
N LEU A 80 -15.91 7.09 1.05
CA LEU A 80 -16.10 5.78 0.44
C LEU A 80 -17.54 5.28 0.60
N SER A 81 -18.26 5.76 1.62
CA SER A 81 -19.63 5.36 1.87
C SER A 81 -20.64 6.38 1.36
N ASP A 82 -20.19 7.37 0.59
CA ASP A 82 -21.08 8.39 0.08
C ASP A 82 -21.83 7.87 -1.14
N THR A 83 -23.16 8.00 -1.13
CA THR A 83 -23.97 7.46 -2.21
C THR A 83 -23.70 8.18 -3.53
N ARG A 84 -23.33 9.46 -3.48
CA ARG A 84 -22.98 10.18 -4.70
C ARG A 84 -21.78 9.54 -5.39
N LEU A 85 -20.82 9.04 -4.62
CA LEU A 85 -19.71 8.29 -5.21
C LEU A 85 -20.20 7.01 -5.86
N ARG A 86 -21.11 6.30 -5.20
CA ARG A 86 -21.62 5.04 -5.76
C ARG A 86 -22.44 5.31 -7.02
N ARG A 87 -23.19 6.42 -7.06
CA ARG A 87 -23.95 6.76 -8.25
C ARG A 87 -23.04 7.12 -9.41
N GLU A 88 -21.90 7.76 -9.11
CA GLU A 88 -20.90 8.01 -10.15
C GLU A 88 -20.39 6.70 -10.74
N LEU A 89 -20.21 5.69 -9.89
CA LEU A 89 -19.73 4.39 -10.36
C LEU A 89 -20.81 3.62 -11.11
N PHE A 90 -22.06 3.73 -10.65
CA PHE A 90 -23.15 3.03 -11.35
C PHE A 90 -23.43 3.65 -12.71
N ALA A 91 -23.15 4.95 -12.86
CA ALA A 91 -23.35 5.60 -14.15
C ALA A 91 -22.43 5.03 -15.22
N GLU A 92 -21.23 4.60 -14.81
CA GLU A 92 -20.33 3.95 -15.76
C GLU A 92 -20.72 2.51 -16.05
N VAL A 93 -21.36 1.84 -15.08
CA VAL A 93 -21.82 0.47 -15.32
C VAL A 93 -22.96 0.45 -16.31
N ASP A 94 -23.86 1.43 -16.24
CA ASP A 94 -24.96 1.51 -17.18
C ASP A 94 -24.48 1.77 -18.60
N LYS A 95 -23.28 2.33 -18.77
CA LYS A 95 -22.66 2.46 -20.08
C LYS A 95 -22.07 1.16 -20.59
N GLY A 96 -22.17 0.07 -19.81
CA GLY A 96 -21.65 -1.21 -20.22
C GLY A 96 -20.19 -1.41 -19.86
N SER A 97 -19.81 -1.00 -18.66
CA SER A 97 -18.43 -1.10 -18.19
C SER A 97 -18.34 -2.07 -17.02
N VAL A 98 -17.21 -2.76 -16.93
CA VAL A 98 -16.93 -3.63 -15.80
C VAL A 98 -16.53 -2.78 -14.60
N ALA A 99 -16.69 -3.37 -13.40
CA ALA A 99 -16.47 -2.63 -12.17
C ALA A 99 -15.06 -2.03 -12.10
N GLU A 100 -14.06 -2.74 -12.63
CA GLU A 100 -12.70 -2.25 -12.59
C GLU A 100 -12.54 -0.98 -13.42
N TRP A 101 -13.10 -0.95 -14.63
CA TRP A 101 -13.01 0.24 -15.46
C TRP A 101 -13.81 1.39 -14.86
N ALA A 102 -14.95 1.08 -14.24
CA ALA A 102 -15.75 2.13 -13.61
C ALA A 102 -14.98 2.80 -12.47
N VAL A 103 -14.20 2.02 -11.72
CA VAL A 103 -13.37 2.60 -10.68
C VAL A 103 -12.26 3.45 -11.28
N LYS A 104 -11.61 2.93 -12.34
CA LYS A 104 -10.54 3.69 -12.98
C LYS A 104 -11.07 4.99 -13.58
N THR A 105 -12.25 4.95 -14.17
CA THR A 105 -12.81 6.14 -14.80
C THR A 105 -13.13 7.22 -13.77
N VAL A 106 -13.82 6.84 -12.70
CA VAL A 106 -14.26 7.83 -11.71
C VAL A 106 -13.06 8.42 -10.97
N ILE A 107 -12.15 7.55 -10.50
CA ILE A 107 -11.04 8.01 -9.68
C ILE A 107 -10.13 8.96 -10.46
N GLU A 108 -9.79 8.57 -11.69
CA GLU A 108 -8.89 9.42 -12.49
C GLU A 108 -9.56 10.73 -12.87
N LYS A 109 -10.87 10.69 -13.13
CA LYS A 109 -11.60 11.92 -13.45
C LYS A 109 -11.54 12.92 -12.30
N PHE A 110 -11.71 12.42 -11.07
CA PHE A 110 -11.70 13.33 -9.92
C PHE A 110 -10.28 13.65 -9.46
N ALA A 111 -9.34 12.72 -9.62
CA ALA A 111 -7.95 13.03 -9.31
C ALA A 111 -7.42 14.12 -10.23
N GLU A 112 -7.82 14.10 -11.50
CA GLU A 112 -7.44 15.16 -12.42
C GLU A 112 -8.00 16.50 -11.97
N GLN A 113 -9.26 16.52 -11.53
CA GLN A 113 -9.88 17.77 -11.11
C GLN A 113 -9.20 18.33 -9.87
N PHE A 114 -8.82 17.45 -8.93
CA PHE A 114 -8.11 17.91 -7.74
C PHE A 114 -6.73 18.45 -8.09
N ALA A 115 -6.04 17.82 -9.04
CA ALA A 115 -4.72 18.28 -9.44
C ALA A 115 -4.77 19.62 -10.17
N ALA A 116 -5.92 19.98 -10.73
CA ALA A 116 -6.06 21.25 -11.43
C ALA A 116 -6.39 22.41 -10.51
N LEU A 117 -6.67 22.15 -9.24
CA LEU A 117 -7.06 23.20 -8.32
C LEU A 117 -5.86 24.05 -7.91
N SER A 118 -6.14 25.28 -7.50
CA SER A 118 -5.11 26.18 -6.99
C SER A 118 -5.00 26.13 -5.46
N ASP A 119 -6.04 25.66 -4.79
CA ASP A 119 -5.98 25.51 -3.34
C ASP A 119 -4.89 24.53 -2.96
N ASN A 120 -3.96 24.96 -2.11
CA ASN A 120 -2.76 24.20 -1.83
C ASN A 120 -3.09 22.87 -1.14
N TYR A 121 -3.92 22.92 -0.10
CA TYR A 121 -4.18 21.70 0.68
C TYR A 121 -5.06 20.70 -0.06
N LEU A 122 -5.87 21.15 -1.01
CA LEU A 122 -6.65 20.24 -1.84
C LEU A 122 -5.87 19.73 -3.05
N LYS A 123 -4.93 20.53 -3.55
CA LYS A 123 -4.16 20.18 -4.73
C LYS A 123 -3.39 18.88 -4.51
N GLU A 124 -2.68 18.77 -3.39
CA GLU A 124 -1.79 17.64 -3.11
C GLU A 124 -2.55 16.37 -2.76
N ARG A 125 -3.84 16.46 -2.45
CA ARG A 125 -4.62 15.27 -2.11
C ARG A 125 -5.08 14.49 -3.33
N ALA A 126 -4.69 14.91 -4.54
CA ALA A 126 -5.02 14.14 -5.73
C ALA A 126 -4.41 12.76 -5.70
N GLY A 127 -3.24 12.61 -5.06
CA GLY A 127 -2.63 11.30 -4.93
C GLY A 127 -3.40 10.39 -3.99
N ASP A 128 -4.04 10.95 -2.97
CA ASP A 128 -4.85 10.14 -2.06
C ASP A 128 -6.01 9.48 -2.80
N LEU A 129 -6.61 10.20 -3.74
CA LEU A 129 -7.73 9.65 -4.50
C LEU A 129 -7.30 8.44 -5.33
N ARG A 130 -6.10 8.51 -5.93
CA ARG A 130 -5.59 7.37 -6.66
C ARG A 130 -5.32 6.20 -5.74
N ALA A 131 -4.85 6.48 -4.52
CA ALA A 131 -4.64 5.42 -3.54
C ALA A 131 -5.96 4.75 -3.15
N LEU A 132 -7.01 5.54 -2.96
CA LEU A 132 -8.33 4.96 -2.68
C LEU A 132 -8.81 4.11 -3.84
N GLY A 133 -8.55 4.56 -5.08
CA GLY A 133 -8.88 3.75 -6.23
C GLY A 133 -8.06 2.46 -6.28
N GLN A 134 -6.76 2.56 -5.95
CA GLN A 134 -5.93 1.36 -5.85
C GLN A 134 -6.50 0.38 -4.83
N ARG A 135 -6.98 0.90 -3.69
CA ARG A 135 -7.54 0.03 -2.67
C ARG A 135 -8.87 -0.57 -3.12
N LEU A 136 -9.67 0.20 -3.87
CA LEU A 136 -10.91 -0.34 -4.43
C LEU A 136 -10.62 -1.51 -5.35
N LEU A 137 -9.62 -1.36 -6.24
CA LEU A 137 -9.24 -2.46 -7.10
C LEU A 137 -8.67 -3.63 -6.32
N PHE A 138 -8.06 -3.36 -5.16
CA PHE A 138 -7.51 -4.43 -4.34
C PHE A 138 -8.60 -5.38 -3.87
N HIS A 139 -9.76 -4.86 -3.47
CA HIS A 139 -10.84 -5.69 -2.98
C HIS A 139 -11.65 -6.34 -4.10
N LEU A 140 -11.52 -5.85 -5.33
CA LEU A 140 -12.19 -6.50 -6.46
C LEU A 140 -11.48 -7.80 -6.85
N ASP A 141 -10.18 -7.88 -6.61
CA ASP A 141 -9.36 -9.03 -6.98
C ASP A 141 -9.51 -10.20 -6.01
N ASP A 142 -10.44 -10.12 -5.05
CA ASP A 142 -10.52 -11.10 -3.96
C ASP A 142 -11.72 -12.03 -4.10
N ALA A 143 -12.08 -12.40 -5.33
CA ALA A 143 -13.17 -13.33 -5.54
C ALA A 143 -12.64 -14.73 -5.81
N ASN A 148 -2.84 -14.20 -5.30
CA ASN A 148 -1.98 -14.47 -4.15
C ASN A 148 -0.53 -14.66 -4.60
N ALA A 149 -0.09 -13.85 -5.56
CA ALA A 149 1.28 -13.90 -6.05
C ALA A 149 2.29 -13.47 -5.00
N TRP A 150 1.85 -13.05 -3.82
CA TRP A 150 2.75 -12.66 -2.75
C TRP A 150 3.23 -13.88 -1.97
N PRO A 151 4.41 -13.80 -1.37
CA PRO A 151 4.83 -14.84 -0.43
C PRO A 151 3.95 -14.83 0.81
N GLU A 152 4.08 -15.88 1.61
CA GLU A 152 3.31 -15.96 2.85
C GLU A 152 3.64 -14.79 3.77
N ARG A 153 4.92 -14.46 3.89
CA ARG A 153 5.39 -13.25 4.53
C ARG A 153 6.51 -12.67 3.68
N PHE A 154 6.55 -11.35 3.54
CA PHE A 154 7.58 -10.74 2.72
C PHE A 154 7.93 -9.35 3.24
N ILE A 155 9.11 -8.89 2.85
CA ILE A 155 9.56 -7.53 3.10
C ILE A 155 9.59 -6.82 1.75
N LEU A 156 8.82 -5.73 1.64
CA LEU A 156 8.76 -4.99 0.40
C LEU A 156 10.08 -4.28 0.15
N VAL A 157 10.68 -4.53 -1.02
CA VAL A 157 11.87 -3.82 -1.46
C VAL A 157 11.49 -3.02 -2.70
N ALA A 158 11.86 -1.74 -2.71
CA ALA A 158 11.47 -0.86 -3.80
C ALA A 158 12.39 0.35 -3.80
N ASP A 159 12.39 1.06 -4.94
CA ASP A 159 13.16 2.29 -5.06
C ASP A 159 12.41 3.49 -4.50
N GLU A 160 11.09 3.51 -4.61
CA GLU A 160 10.25 4.57 -4.09
C GLU A 160 9.08 3.98 -3.33
N LEU A 161 8.55 4.75 -2.39
CA LEU A 161 7.41 4.32 -1.58
C LEU A 161 6.38 5.44 -1.54
N SER A 162 5.16 5.13 -1.98
CA SER A 162 4.06 6.08 -1.98
C SER A 162 2.81 5.38 -1.50
N ALA A 163 1.76 6.17 -1.29
CA ALA A 163 0.49 5.62 -0.78
C ALA A 163 -0.13 4.65 -1.77
N THR A 164 0.06 4.88 -3.07
CA THR A 164 -0.52 3.99 -4.07
C THR A 164 0.13 2.62 -4.05
N THR A 165 1.42 2.54 -3.69
CA THR A 165 2.09 1.26 -3.62
C THR A 165 1.58 0.43 -2.46
N LEU A 166 1.45 1.05 -1.27
CA LEU A 166 0.98 0.33 -0.11
C LEU A 166 -0.48 -0.09 -0.25
N ALA A 167 -1.24 0.61 -1.09
CA ALA A 167 -2.67 0.33 -1.24
C ALA A 167 -2.94 -0.95 -2.02
N GLU A 168 -1.95 -1.49 -2.73
CA GLU A 168 -2.12 -2.76 -3.44
C GLU A 168 -1.35 -3.89 -2.77
N LEU A 169 -1.21 -3.83 -1.45
CA LEU A 169 -0.51 -4.85 -0.68
C LEU A 169 -1.38 -5.35 0.45
N PRO A 170 -1.35 -6.65 0.74
CA PRO A 170 -2.08 -7.18 1.90
C PRO A 170 -1.28 -6.92 3.17
N GLN A 171 -1.96 -6.43 4.21
CA GLN A 171 -1.28 -6.10 5.46
C GLN A 171 -0.78 -7.35 6.17
N ASP A 172 -1.57 -8.42 6.17
CA ASP A 172 -1.22 -9.62 6.93
C ASP A 172 0.10 -10.21 6.46
N ARG A 173 0.43 -10.05 5.17
CA ARG A 173 1.65 -10.60 4.62
C ARG A 173 2.82 -9.64 4.68
N LEU A 174 2.55 -8.33 4.65
CA LEU A 174 3.60 -7.31 4.66
C LEU A 174 4.10 -7.13 6.09
N VAL A 175 5.36 -7.49 6.33
CA VAL A 175 5.97 -7.38 7.66
C VAL A 175 7.09 -6.35 7.70
N GLY A 176 7.55 -5.85 6.56
CA GLY A 176 8.62 -4.87 6.55
C GLY A 176 8.76 -4.24 5.18
N VAL A 177 9.41 -3.08 5.14
CA VAL A 177 9.61 -2.32 3.92
C VAL A 177 11.04 -1.79 3.89
N VAL A 178 11.66 -1.83 2.72
CA VAL A 178 13.00 -1.29 2.50
C VAL A 178 12.98 -0.42 1.26
N VAL A 179 13.26 0.86 1.43
CA VAL A 179 13.25 1.81 0.32
C VAL A 179 14.67 2.32 0.09
N ARG A 180 15.06 2.39 -1.19
CA ARG A 180 16.38 2.87 -1.58
C ARG A 180 16.41 4.40 -1.73
N ASP A 181 15.47 5.01 -2.46
CA ASP A 181 15.27 6.44 -2.33
C ASP A 181 13.97 6.67 -1.55
N GLY A 182 14.05 7.39 -0.43
CA GLY A 182 12.84 7.85 0.23
C GLY A 182 13.13 9.02 1.15
N ALA A 183 12.06 9.60 1.69
CA ALA A 183 12.15 10.61 2.75
C ALA A 183 11.34 10.10 3.93
N ALA A 184 11.96 10.04 5.10
CA ALA A 184 11.30 9.57 6.30
C ALA A 184 10.18 10.48 6.76
N ASN A 185 9.97 11.62 6.10
CA ASN A 185 8.87 12.51 6.43
C ASN A 185 7.77 12.51 5.36
N SER A 186 7.87 11.64 4.37
CA SER A 186 6.87 11.56 3.32
C SER A 186 5.56 11.01 3.87
N GLN A 187 4.52 11.08 3.03
CA GLN A 187 3.22 10.56 3.44
C GLN A 187 3.26 9.05 3.64
N ALA A 188 4.02 8.35 2.80
CA ALA A 188 4.14 6.89 2.95
C ALA A 188 4.86 6.53 4.24
N ALA A 189 5.87 7.31 4.62
CA ALA A 189 6.56 7.06 5.88
C ALA A 189 5.64 7.29 7.06
N ILE A 190 4.71 8.25 6.95
CA ILE A 190 3.75 8.48 8.02
C ILE A 190 2.78 7.31 8.12
N MET A 191 2.46 6.66 7.01
CA MET A 191 1.50 5.56 7.04
C MET A 191 2.10 4.31 7.66
N VAL A 192 3.35 3.97 7.31
CA VAL A 192 3.96 2.76 7.85
C VAL A 192 4.19 2.89 9.36
N ARG A 193 4.49 4.09 9.84
CA ARG A 193 4.58 4.30 11.29
C ARG A 193 3.22 4.11 11.95
N ALA A 194 2.16 4.59 11.30
CA ALA A 194 0.81 4.40 11.84
C ALA A 194 0.41 2.94 11.84
N LEU A 195 0.84 2.17 10.85
CA LEU A 195 0.50 0.76 10.74
C LEU A 195 1.44 -0.14 11.52
N GLY A 196 2.55 0.39 12.04
CA GLY A 196 3.46 -0.41 12.83
C GLY A 196 4.32 -1.36 12.01
N ILE A 197 4.71 -0.95 10.81
CA ILE A 197 5.53 -1.78 9.93
C ILE A 197 6.96 -1.32 10.03
N PRO A 198 7.92 -2.19 10.37
CA PRO A 198 9.33 -1.80 10.34
C PRO A 198 9.73 -1.36 8.95
N THR A 199 10.38 -0.19 8.86
CA THR A 199 10.68 0.41 7.57
C THR A 199 12.03 1.10 7.64
N VAL A 200 12.84 0.89 6.61
CA VAL A 200 14.15 1.50 6.48
C VAL A 200 14.24 2.18 5.12
N MET A 201 14.92 3.33 5.06
CA MET A 201 14.95 4.14 3.86
C MET A 201 16.38 4.63 3.58
N GLY A 202 16.55 5.27 2.43
CA GLY A 202 17.84 5.81 2.05
C GLY A 202 18.95 4.78 1.98
N ALA A 203 18.60 3.54 1.69
CA ALA A 203 19.53 2.41 1.79
C ALA A 203 20.15 2.12 0.43
N ASP A 204 21.47 2.16 0.35
CA ASP A 204 22.17 1.67 -0.83
C ASP A 204 21.77 0.22 -1.07
N ILE A 205 20.93 0.00 -2.09
CA ILE A 205 20.27 -1.29 -2.26
C ILE A 205 19.83 -1.40 -3.72
N GLN A 206 19.80 -2.62 -4.22
CA GLN A 206 19.23 -2.88 -5.54
C GLN A 206 17.99 -3.73 -5.38
N PRO A 207 16.79 -3.16 -5.57
CA PRO A 207 15.55 -3.95 -5.39
C PRO A 207 15.51 -5.21 -6.23
N SER A 208 16.11 -5.18 -7.42
CA SER A 208 16.16 -6.36 -8.28
C SER A 208 17.08 -7.45 -7.73
N VAL A 209 17.92 -7.14 -6.75
CA VAL A 209 18.83 -8.12 -6.17
C VAL A 209 18.28 -8.71 -4.88
N LEU A 210 17.69 -7.87 -4.02
CA LEU A 210 17.08 -8.38 -2.79
C LEU A 210 15.86 -9.25 -3.04
N HIS A 211 15.33 -9.26 -4.27
CA HIS A 211 14.17 -10.07 -4.58
C HIS A 211 14.50 -11.55 -4.42
N ARG A 212 13.58 -12.29 -3.78
CA ARG A 212 13.72 -13.72 -3.52
C ARG A 212 14.87 -14.04 -2.57
N ARG A 213 15.23 -13.12 -1.70
CA ARG A 213 16.26 -13.37 -0.69
C ARG A 213 15.73 -13.06 0.70
N THR A 214 16.14 -13.87 1.68
CA THR A 214 15.77 -13.62 3.06
C THR A 214 16.43 -12.34 3.56
N LEU A 215 15.65 -11.49 4.23
CA LEU A 215 16.14 -10.22 4.73
C LEU A 215 15.69 -10.03 6.18
N ILE A 216 16.51 -9.31 6.94
CA ILE A 216 16.14 -8.82 8.26
C ILE A 216 16.18 -7.30 8.21
N VAL A 217 15.02 -6.67 8.41
CA VAL A 217 14.93 -5.22 8.47
C VAL A 217 14.86 -4.80 9.93
N ASP A 218 15.76 -3.88 10.32
CA ASP A 218 15.84 -3.38 11.69
C ASP A 218 15.53 -1.89 11.64
N GLY A 219 14.31 -1.53 12.03
CA GLY A 219 13.87 -0.15 12.04
C GLY A 219 14.24 0.64 13.27
N TYR A 220 14.75 0.00 14.31
CA TYR A 220 15.22 0.72 15.48
C TYR A 220 16.58 1.37 15.24
N ARG A 221 17.48 0.67 14.56
CA ARG A 221 18.84 1.13 14.36
C ARG A 221 19.15 1.46 12.91
N GLY A 222 18.24 1.22 11.99
CA GLY A 222 18.48 1.49 10.58
C GLY A 222 19.44 0.51 9.96
N GLU A 223 19.22 -0.78 10.20
CA GLU A 223 20.08 -1.84 9.68
C GLU A 223 19.26 -2.78 8.81
N LEU A 224 19.91 -3.30 7.76
CA LEU A 224 19.35 -4.35 6.93
C LEU A 224 20.37 -5.47 6.78
N LEU A 225 19.93 -6.70 7.02
CA LEU A 225 20.80 -7.87 6.95
C LEU A 225 20.37 -8.75 5.78
N VAL A 226 21.28 -8.99 4.84
CA VAL A 226 21.01 -9.81 3.68
C VAL A 226 21.59 -11.20 3.93
N ASP A 227 20.74 -12.23 3.86
CA ASP A 227 21.10 -13.64 3.93
C ASP A 227 21.53 -14.04 5.34
N PRO A 228 20.66 -13.92 6.36
CA PRO A 228 21.15 -14.07 7.75
C PRO A 228 21.59 -15.49 8.10
N GLU A 229 21.15 -16.49 7.35
CA GLU A 229 21.43 -17.87 7.75
C GLU A 229 22.91 -18.20 7.68
N PRO A 230 23.65 -17.93 6.60
CA PRO A 230 25.11 -18.11 6.67
C PRO A 230 25.79 -17.43 7.84
N VAL A 231 25.37 -16.21 8.19
CA VAL A 231 25.99 -15.52 9.32
C VAL A 231 25.66 -16.24 10.63
N LEU A 232 24.45 -16.79 10.73
CA LEU A 232 24.06 -17.52 11.93
C LEU A 232 24.84 -18.83 12.06
N LEU A 233 24.95 -19.57 10.96
CA LEU A 233 25.65 -20.85 11.01
C LEU A 233 27.14 -20.65 11.29
N GLN A 234 27.72 -19.58 10.75
CA GLN A 234 29.13 -19.30 10.99
C GLN A 234 29.41 -19.06 12.48
N GLU A 235 28.60 -18.21 13.10
CA GLU A 235 28.76 -17.95 14.53
C GLU A 235 28.49 -19.21 15.35
N TYR A 236 27.56 -20.05 14.91
CA TYR A 236 27.26 -21.28 15.63
C TYR A 236 28.43 -22.25 15.56
N GLN A 237 28.99 -22.49 14.38
CA GLN A 237 30.17 -23.33 14.27
C GLN A 237 31.39 -22.69 14.92
N ARG A 238 31.38 -21.37 15.10
CA ARG A 238 32.46 -20.71 15.83
C ARG A 238 32.41 -21.07 17.31
N LEU A 239 31.22 -21.04 17.89
CA LEU A 239 31.07 -21.38 19.31
C LEU A 239 31.36 -22.85 19.56
N ILE A 240 31.08 -23.72 18.59
CA ILE A 240 31.34 -25.15 18.78
C ILE A 240 32.83 -25.41 18.92
N SER A 241 33.64 -24.79 18.06
CA SER A 241 35.09 -24.88 18.22
C SER A 241 35.58 -24.11 19.44
N GLU A 242 34.73 -23.29 20.04
CA GLU A 242 35.06 -22.62 21.30
C GLU A 242 34.65 -23.53 22.45
#